data_4X8Y
#
_entry.id   4X8Y
#
_cell.length_a   167.230
_cell.length_b   167.230
_cell.length_c   63.460
_cell.angle_alpha   90.00
_cell.angle_beta   90.00
_cell.angle_gamma   90.00
#
_symmetry.space_group_name_H-M   'I 41 2 2'
#
loop_
_entity.id
_entity.type
_entity.pdbx_description
1 polymer 'Membrane-associated progesterone receptor component 1'
2 non-polymer 'PROTOPORPHYRIN IX CONTAINING FE'
3 water water
#
_entity_poly.entity_id   1
_entity_poly.type   'polypeptide(L)'
_entity_poly.pdbx_seq_one_letter_code
;GPLGSPEFDFTPAELRRFDGVQDPRILMAINGKVFDVTKGRKFYGPEGPYGVFAGRDASRGLATFCLDKEALKDEYDDLS
DLTAAQQETLSDWESQFTFKYHHVGKLLKEGEEPTVYSDEEEPKDESARKND
;
_entity_poly.pdbx_strand_id   A,B
#
loop_
_chem_comp.id
_chem_comp.type
_chem_comp.name
_chem_comp.formula
HEM non-polymer 'PROTOPORPHYRIN IX CONTAINING FE' 'C34 H32 Fe N4 O4'
#
# COMPACT_ATOMS: atom_id res chain seq x y z
N SER A 5 8.08 2.70 16.43
CA SER A 5 7.11 3.04 17.46
C SER A 5 6.36 4.36 17.25
N PRO A 6 5.32 4.35 16.39
CA PRO A 6 4.29 5.38 16.53
C PRO A 6 3.53 5.19 17.84
N GLU A 7 3.39 3.93 18.26
CA GLU A 7 2.83 3.62 19.57
C GLU A 7 3.69 2.65 20.36
N PHE A 8 3.89 1.43 19.83
CA PHE A 8 4.52 0.37 20.62
C PHE A 8 5.16 -0.68 19.73
N ASP A 9 6.41 -1.05 20.04
CA ASP A 9 7.12 -2.11 19.29
C ASP A 9 6.95 -3.47 19.96
N PHE A 10 6.89 -4.52 19.15
CA PHE A 10 6.68 -5.90 19.62
C PHE A 10 7.76 -6.86 19.13
N THR A 11 8.14 -7.83 19.96
CA THR A 11 8.85 -9.02 19.48
C THR A 11 7.80 -9.98 18.92
N PRO A 12 8.22 -10.95 18.12
CA PRO A 12 7.25 -11.96 17.65
C PRO A 12 6.53 -12.70 18.78
N ALA A 13 7.24 -13.01 19.87
CA ALA A 13 6.58 -13.73 20.94
C ALA A 13 5.48 -12.86 21.57
N GLU A 14 5.73 -11.56 21.63
CA GLU A 14 4.77 -10.62 22.22
C GLU A 14 3.57 -10.42 21.32
N LEU A 15 3.77 -10.61 20.02
CA LEU A 15 2.69 -10.39 19.08
C LEU A 15 1.64 -11.51 19.07
N ARG A 16 2.05 -12.73 19.44
CA ARG A 16 1.21 -13.93 19.29
C ARG A 16 -0.21 -13.85 19.84
N ARG A 17 -0.38 -13.25 21.01
CA ARG A 17 -1.69 -13.27 21.67
CA ARG A 17 -1.70 -13.28 21.65
C ARG A 17 -2.69 -12.33 20.99
N PHE A 18 -2.19 -11.44 20.14
CA PHE A 18 -3.09 -10.51 19.44
C PHE A 18 -3.63 -11.16 18.14
N ASP A 19 -4.43 -12.21 18.33
CA ASP A 19 -4.90 -13.04 17.21
C ASP A 19 -6.42 -13.03 17.04
N GLY A 20 -7.10 -12.15 17.76
CA GLY A 20 -8.55 -12.08 17.64
C GLY A 20 -9.29 -13.08 18.51
N VAL A 21 -8.55 -13.96 19.18
CA VAL A 21 -9.12 -15.03 20.01
C VAL A 21 -8.64 -14.87 21.45
N GLN A 22 -7.32 -14.80 21.64
CA GLN A 22 -6.77 -14.62 22.97
C GLN A 22 -6.93 -13.18 23.45
N ASP A 23 -7.16 -12.30 22.48
CA ASP A 23 -7.36 -10.88 22.66
C ASP A 23 -8.27 -10.48 21.49
N PRO A 24 -9.26 -9.59 21.71
CA PRO A 24 -10.11 -9.23 20.57
C PRO A 24 -9.34 -8.49 19.46
N ARG A 25 -8.23 -7.86 19.81
CA ARG A 25 -7.41 -7.16 18.82
C ARG A 25 -6.60 -8.12 17.95
N ILE A 26 -6.53 -7.82 16.65
CA ILE A 26 -5.70 -8.62 15.76
C ILE A 26 -4.57 -7.75 15.24
N LEU A 27 -3.34 -8.15 15.57
CA LEU A 27 -2.16 -7.46 15.05
C LEU A 27 -1.42 -8.37 14.11
N MET A 28 -0.72 -7.77 13.15
CA MET A 28 -0.10 -8.53 12.07
C MET A 28 1.12 -7.74 11.59
N ALA A 29 2.26 -8.41 11.35
CA ALA A 29 3.44 -7.69 10.88
C ALA A 29 3.73 -7.97 9.40
N ILE A 30 4.10 -6.91 8.70
CA ILE A 30 4.48 -6.99 7.28
C ILE A 30 5.74 -6.17 7.12
N ASN A 31 6.82 -6.84 6.73
CA ASN A 31 8.10 -6.18 6.42
C ASN A 31 8.60 -5.28 7.56
N GLY A 32 8.48 -5.77 8.79
CA GLY A 32 9.00 -5.07 9.94
C GLY A 32 8.04 -4.10 10.61
N LYS A 33 6.83 -3.96 10.05
CA LYS A 33 5.84 -3.01 10.58
C LYS A 33 4.67 -3.78 11.14
N VAL A 34 4.21 -3.41 12.35
CA VAL A 34 3.03 -4.05 12.93
C VAL A 34 1.80 -3.21 12.64
N PHE A 35 0.77 -3.86 12.14
CA PHE A 35 -0.48 -3.20 11.83
C PHE A 35 -1.62 -3.74 12.69
N ASP A 36 -2.55 -2.86 13.06
CA ASP A 36 -3.80 -3.26 13.69
C ASP A 36 -4.81 -3.63 12.62
N VAL A 37 -5.04 -4.92 12.42
CA VAL A 37 -5.97 -5.35 11.37
C VAL A 37 -7.28 -5.87 11.98
N THR A 38 -7.59 -5.43 13.20
CA THR A 38 -8.81 -5.85 13.89
C THR A 38 -10.06 -5.63 13.02
N LYS A 39 -10.07 -4.54 12.26
CA LYS A 39 -11.26 -4.23 11.46
C LYS A 39 -11.36 -5.19 10.26
N GLY A 40 -10.28 -5.91 9.97
CA GLY A 40 -10.26 -6.87 8.89
C GLY A 40 -10.46 -8.29 9.40
N ARG A 41 -11.26 -8.42 10.46
CA ARG A 41 -11.50 -9.74 11.06
C ARG A 41 -12.13 -10.74 10.06
N LYS A 42 -12.85 -10.23 9.07
CA LYS A 42 -13.40 -11.11 8.04
C LYS A 42 -12.28 -11.87 7.31
N PHE A 43 -11.10 -11.26 7.26
CA PHE A 43 -9.93 -11.89 6.68
C PHE A 43 -9.08 -12.66 7.69
N TYR A 44 -8.90 -12.09 8.89
CA TYR A 44 -7.83 -12.55 9.77
C TYR A 44 -8.36 -13.23 11.03
N GLY A 45 -9.67 -13.24 11.21
CA GLY A 45 -10.29 -13.96 12.31
C GLY A 45 -10.10 -15.46 12.18
N PRO A 46 -10.46 -16.21 13.24
CA PRO A 46 -10.22 -17.67 13.23
C PRO A 46 -10.96 -18.40 12.12
N GLU A 47 -12.07 -17.86 11.64
CA GLU A 47 -12.75 -18.47 10.49
C GLU A 47 -12.45 -17.77 9.17
N GLY A 48 -11.49 -16.85 9.16
CA GLY A 48 -11.20 -16.10 7.96
C GLY A 48 -10.21 -16.83 7.07
N PRO A 49 -10.15 -16.48 5.77
CA PRO A 49 -9.25 -17.21 4.86
C PRO A 49 -7.77 -17.02 5.17
N TYR A 50 -7.43 -15.90 5.83
CA TYR A 50 -6.04 -15.54 6.06
C TYR A 50 -5.77 -15.52 7.57
N GLY A 51 -6.56 -16.28 8.32
CA GLY A 51 -6.42 -16.37 9.77
C GLY A 51 -5.07 -16.85 10.26
N VAL A 52 -4.34 -17.55 9.38
CA VAL A 52 -3.01 -18.03 9.72
C VAL A 52 -2.04 -16.88 10.07
N PHE A 53 -2.31 -15.67 9.58
CA PHE A 53 -1.41 -14.52 9.84
C PHE A 53 -1.74 -13.76 11.12
N ALA A 54 -2.86 -14.08 11.76
CA ALA A 54 -3.28 -13.31 12.94
C ALA A 54 -2.25 -13.47 14.09
N GLY A 55 -1.76 -12.35 14.60
CA GLY A 55 -0.77 -12.36 15.66
C GLY A 55 0.63 -12.80 15.22
N ARG A 56 0.86 -12.83 13.91
CA ARG A 56 2.12 -13.34 13.34
C ARG A 56 2.84 -12.34 12.47
N ASP A 57 4.12 -12.62 12.23
CA ASP A 57 4.86 -11.98 11.16
C ASP A 57 4.42 -12.65 9.86
N ALA A 58 3.70 -11.90 9.03
CA ALA A 58 3.14 -12.42 7.81
C ALA A 58 4.07 -12.23 6.62
N SER A 59 5.26 -11.66 6.86
CA SER A 59 6.13 -11.23 5.75
C SER A 59 6.44 -12.35 4.77
N ARG A 60 6.89 -13.49 5.27
CA ARG A 60 7.33 -14.56 4.37
C ARG A 60 6.14 -15.12 3.59
N GLY A 61 5.02 -15.33 4.29
CA GLY A 61 3.83 -15.86 3.62
C GLY A 61 3.32 -14.94 2.52
N LEU A 62 3.21 -13.65 2.81
CA LEU A 62 2.82 -12.67 1.78
C LEU A 62 3.82 -12.58 0.63
N ALA A 63 5.10 -12.58 0.96
CA ALA A 63 6.15 -12.40 -0.06
C ALA A 63 6.20 -13.57 -1.04
N THR A 64 5.97 -14.77 -0.53
CA THR A 64 6.11 -15.97 -1.34
C THR A 64 4.77 -16.49 -1.82
N PHE A 65 3.69 -15.77 -1.49
CA PHE A 65 2.31 -16.22 -1.72
C PHE A 65 2.09 -17.63 -1.18
N CYS A 66 2.19 -17.79 0.14
CA CYS A 66 2.07 -19.11 0.74
C CYS A 66 1.26 -19.01 2.03
N LEU A 67 0.11 -19.67 2.07
CA LEU A 67 -0.75 -19.69 3.26
C LEU A 67 -0.47 -20.90 4.14
N ASP A 68 0.47 -21.74 3.71
CA ASP A 68 0.74 -22.96 4.45
C ASP A 68 1.29 -22.62 5.83
N LYS A 69 0.59 -23.08 6.88
CA LYS A 69 0.91 -22.68 8.24
C LYS A 69 2.29 -23.16 8.66
N GLU A 70 2.66 -24.36 8.22
CA GLU A 70 3.94 -24.95 8.60
C GLU A 70 5.13 -24.15 8.04
N ALA A 71 4.83 -23.19 7.16
CA ALA A 71 5.86 -22.33 6.55
C ALA A 71 6.19 -21.10 7.40
N LEU A 72 5.30 -20.76 8.34
CA LEU A 72 5.54 -19.66 9.26
C LEU A 72 6.59 -20.06 10.28
N LYS A 73 7.55 -19.19 10.55
CA LYS A 73 8.54 -19.47 11.58
C LYS A 73 8.02 -18.99 12.93
N ASP A 74 8.46 -19.65 14.01
CA ASP A 74 7.84 -19.39 15.30
C ASP A 74 8.37 -18.12 15.94
N GLU A 75 9.68 -17.88 15.83
CA GLU A 75 10.25 -16.68 16.42
C GLU A 75 10.64 -15.66 15.36
N TYR A 76 11.93 -15.33 15.31
CA TYR A 76 12.40 -14.33 14.36
C TYR A 76 12.60 -14.91 12.96
N ASP A 77 12.12 -14.21 11.94
CA ASP A 77 12.31 -14.68 10.57
C ASP A 77 13.21 -13.71 9.84
N ASP A 78 14.45 -14.14 9.66
CA ASP A 78 15.40 -13.45 8.84
C ASP A 78 14.95 -13.59 7.40
N LEU A 79 14.57 -12.48 6.79
CA LEU A 79 14.06 -12.51 5.41
C LEU A 79 15.16 -12.44 4.34
N SER A 80 16.42 -12.65 4.73
CA SER A 80 17.51 -12.40 3.80
C SER A 80 17.59 -13.42 2.68
N ASP A 81 16.80 -14.49 2.74
CA ASP A 81 16.84 -15.48 1.67
C ASP A 81 15.72 -15.30 0.65
N LEU A 82 14.85 -14.31 0.85
CA LEU A 82 13.84 -13.98 -0.17
C LEU A 82 14.51 -13.56 -1.46
N THR A 83 13.89 -13.89 -2.58
CA THR A 83 14.38 -13.45 -3.89
C THR A 83 14.09 -11.97 -4.07
N ALA A 84 14.71 -11.37 -5.07
CA ALA A 84 14.43 -10.00 -5.45
C ALA A 84 12.94 -9.82 -5.73
N ALA A 85 12.35 -10.78 -6.43
CA ALA A 85 10.92 -10.70 -6.76
C ALA A 85 10.07 -10.81 -5.50
N GLN A 86 10.42 -11.72 -4.62
CA GLN A 86 9.63 -11.88 -3.40
C GLN A 86 9.73 -10.64 -2.50
N GLN A 87 10.89 -10.00 -2.53
CA GLN A 87 11.12 -8.78 -1.78
C GLN A 87 10.26 -7.62 -2.35
N GLU A 88 10.14 -7.57 -3.66
CA GLU A 88 9.29 -6.56 -4.30
C GLU A 88 7.82 -6.83 -3.96
N THR A 89 7.43 -8.09 -4.00
CA THR A 89 6.05 -8.46 -3.59
C THR A 89 5.77 -8.03 -2.14
N LEU A 90 6.73 -8.32 -1.27
CA LEU A 90 6.55 -7.95 0.14
C LEU A 90 6.35 -6.44 0.29
N SER A 91 7.14 -5.66 -0.44
CA SER A 91 7.01 -4.20 -0.42
C SER A 91 5.65 -3.72 -0.91
N ASP A 92 5.15 -4.34 -1.99
CA ASP A 92 3.79 -4.05 -2.48
C ASP A 92 2.76 -4.29 -1.38
N TRP A 93 2.88 -5.42 -0.69
CA TRP A 93 1.90 -5.71 0.37
C TRP A 93 1.99 -4.68 1.49
N GLU A 94 3.22 -4.30 1.85
CA GLU A 94 3.43 -3.29 2.89
C GLU A 94 2.74 -1.97 2.55
N SER A 95 2.84 -1.54 1.30
CA SER A 95 2.18 -0.33 0.83
C SER A 95 0.67 -0.38 1.01
N GLN A 96 0.08 -1.52 0.69
CA GLN A 96 -1.37 -1.70 0.83
C GLN A 96 -1.80 -1.67 2.30
N PHE A 97 -1.09 -2.37 3.17
CA PHE A 97 -1.43 -2.33 4.60
C PHE A 97 -1.21 -0.94 5.18
N THR A 98 -0.17 -0.25 4.73
CA THR A 98 0.04 1.14 5.15
C THR A 98 -1.12 2.05 4.77
N PHE A 99 -1.67 1.83 3.58
CA PHE A 99 -2.80 2.63 3.13
C PHE A 99 -4.06 2.30 3.96
N LYS A 100 -4.30 1.02 4.20
CA LYS A 100 -5.58 0.58 4.73
C LYS A 100 -5.68 0.54 6.27
N TYR A 101 -4.59 0.17 6.94
CA TYR A 101 -4.63 -0.13 8.38
C TYR A 101 -3.76 0.79 9.22
N HIS A 102 -4.05 0.86 10.52
CA HIS A 102 -3.25 1.67 11.42
C HIS A 102 -1.90 1.00 11.70
N HIS A 103 -0.82 1.76 11.53
CA HIS A 103 0.54 1.33 11.83
C HIS A 103 0.83 1.51 13.33
N VAL A 104 0.99 0.41 14.06
CA VAL A 104 1.18 0.45 15.53
C VAL A 104 2.64 0.64 15.94
N GLY A 105 3.55 -0.04 15.25
CA GLY A 105 4.96 0.07 15.57
C GLY A 105 5.81 -0.93 14.82
N LYS A 106 7.03 -1.15 15.31
CA LYS A 106 7.95 -2.13 14.70
C LYS A 106 7.72 -3.54 15.20
N LEU A 107 7.92 -4.51 14.32
CA LEU A 107 8.19 -5.89 14.77
C LEU A 107 9.69 -5.97 14.95
N LEU A 108 10.12 -6.16 16.19
CA LEU A 108 11.55 -6.11 16.47
C LEU A 108 12.25 -7.30 15.85
N LYS A 109 13.37 -7.03 15.18
CA LYS A 109 14.26 -8.10 14.72
C LYS A 109 15.04 -8.59 15.93
N GLU A 110 15.71 -9.72 15.77
CA GLU A 110 16.42 -10.32 16.89
C GLU A 110 17.56 -9.42 17.36
N GLY A 111 17.53 -9.04 18.62
CA GLY A 111 18.53 -8.14 19.18
C GLY A 111 18.21 -6.66 19.05
N GLU A 112 17.21 -6.32 18.24
CA GLU A 112 16.85 -4.92 18.01
C GLU A 112 16.19 -4.30 19.24
N GLU A 113 16.68 -3.13 19.65
CA GLU A 113 16.14 -2.44 20.82
C GLU A 113 14.87 -1.62 20.50
N PRO A 114 13.92 -1.60 21.44
CA PRO A 114 12.66 -0.87 21.24
C PRO A 114 12.87 0.63 21.13
N THR A 115 11.90 1.35 20.57
CA THR A 115 11.96 2.81 20.54
C THR A 115 10.78 3.44 21.31
N VAL A 116 11.07 4.58 21.96
CA VAL A 116 10.14 5.26 22.89
C VAL A 116 9.79 4.40 24.10
N GLY B 1 -1.48 -11.99 -12.91
CA GLY B 1 -0.39 -11.41 -12.14
C GLY B 1 -0.89 -10.58 -10.97
N PRO B 2 -1.00 -11.20 -9.78
CA PRO B 2 -1.49 -10.47 -8.61
C PRO B 2 -0.52 -9.40 -8.11
N LEU B 3 -1.08 -8.21 -7.85
CA LEU B 3 -0.36 -7.16 -7.13
C LEU B 3 -1.08 -6.96 -5.78
N GLY B 4 -0.73 -7.79 -4.81
CA GLY B 4 -1.45 -7.80 -3.56
C GLY B 4 -2.95 -7.96 -3.78
N SER B 5 -3.73 -7.30 -2.94
CA SER B 5 -5.19 -7.38 -3.01
C SER B 5 -5.75 -6.58 -4.17
N PRO B 6 -6.75 -7.16 -4.86
CA PRO B 6 -7.49 -6.48 -5.93
C PRO B 6 -8.41 -5.38 -5.39
N GLU B 7 -8.60 -5.32 -4.08
CA GLU B 7 -9.30 -4.20 -3.46
C GLU B 7 -8.58 -2.89 -3.77
N PHE B 8 -7.29 -2.98 -4.07
CA PHE B 8 -6.49 -1.78 -4.29
C PHE B 8 -6.37 -1.47 -5.78
N ASP B 9 -7.26 -2.06 -6.56
CA ASP B 9 -7.48 -1.64 -7.94
C ASP B 9 -8.72 -0.74 -7.95
N PHE B 10 -8.65 0.40 -8.63
CA PHE B 10 -9.69 1.42 -8.52
C PHE B 10 -10.28 1.84 -9.88
N THR B 11 -11.57 2.11 -9.91
CA THR B 11 -12.18 2.82 -11.03
C THR B 11 -11.90 4.31 -10.82
N PRO B 12 -11.98 5.11 -11.90
CA PRO B 12 -11.80 6.55 -11.70
C PRO B 12 -12.75 7.14 -10.66
N ALA B 13 -13.99 6.66 -10.61
CA ALA B 13 -14.97 7.17 -9.66
C ALA B 13 -14.60 6.81 -8.22
N GLU B 14 -14.05 5.61 -8.02
CA GLU B 14 -13.59 5.19 -6.69
C GLU B 14 -12.37 6.00 -6.25
N LEU B 15 -11.48 6.26 -7.19
CA LEU B 15 -10.27 7.04 -6.94
C LEU B 15 -10.60 8.40 -6.36
N ARG B 16 -11.70 8.98 -6.84
CA ARG B 16 -12.16 10.33 -6.51
C ARG B 16 -12.16 10.66 -5.02
N ARG B 17 -12.51 9.68 -4.20
CA ARG B 17 -12.68 9.86 -2.77
C ARG B 17 -11.36 10.22 -2.09
N PHE B 18 -10.26 9.73 -2.63
CA PHE B 18 -8.95 9.88 -1.98
C PHE B 18 -8.18 11.05 -2.56
N ASP B 19 -8.69 12.24 -2.28
CA ASP B 19 -8.13 13.47 -2.79
C ASP B 19 -7.56 14.33 -1.67
N GLY B 20 -7.39 13.73 -0.50
CA GLY B 20 -6.92 14.47 0.66
C GLY B 20 -7.97 15.40 1.23
N VAL B 21 -9.17 15.39 0.66
CA VAL B 21 -10.27 16.25 1.11
C VAL B 21 -11.38 15.43 1.76
N GLN B 22 -12.01 14.55 1.00
CA GLN B 22 -13.07 13.69 1.54
C GLN B 22 -12.47 12.66 2.49
N ASP B 23 -11.23 12.30 2.21
CA ASP B 23 -10.47 11.34 3.01
C ASP B 23 -9.04 11.88 3.07
N PRO B 24 -8.38 11.79 4.22
CA PRO B 24 -7.02 12.36 4.34
C PRO B 24 -5.98 11.67 3.45
N ARG B 25 -6.27 10.46 2.99
CA ARG B 25 -5.34 9.77 2.11
C ARG B 25 -5.44 10.31 0.69
N ILE B 26 -4.34 10.26 -0.06
CA ILE B 26 -4.32 10.80 -1.42
C ILE B 26 -3.82 9.76 -2.40
N LEU B 27 -4.64 9.47 -3.40
CA LEU B 27 -4.26 8.56 -4.47
C LEU B 27 -4.13 9.31 -5.79
N MET B 28 -3.28 8.82 -6.68
CA MET B 28 -3.08 9.38 -8.01
C MET B 28 -2.89 8.24 -9.00
N ALA B 29 -3.55 8.30 -10.14
CA ALA B 29 -3.30 7.32 -11.18
C ALA B 29 -2.36 7.88 -12.25
N ILE B 30 -1.36 7.09 -12.62
CA ILE B 30 -0.43 7.45 -13.69
C ILE B 30 -0.20 6.28 -14.62
N ASN B 31 -0.60 6.44 -15.87
CA ASN B 31 -0.40 5.43 -16.90
C ASN B 31 -0.96 4.08 -16.44
N GLY B 32 -2.16 4.09 -15.88
CA GLY B 32 -2.85 2.87 -15.54
C GLY B 32 -2.52 2.30 -14.17
N LYS B 33 -1.57 2.91 -13.48
CA LYS B 33 -1.18 2.48 -12.14
C LYS B 33 -1.61 3.49 -11.09
N VAL B 34 -2.07 2.98 -9.94
CA VAL B 34 -2.50 3.87 -8.86
C VAL B 34 -1.43 3.95 -7.75
N PHE B 35 -1.12 5.19 -7.36
CA PHE B 35 -0.09 5.45 -6.36
C PHE B 35 -0.65 6.10 -5.10
N ASP B 36 -0.17 5.64 -3.94
CA ASP B 36 -0.45 6.30 -2.67
C ASP B 36 0.57 7.41 -2.53
N VAL B 37 0.11 8.66 -2.62
CA VAL B 37 1.00 9.81 -2.52
C VAL B 37 0.67 10.65 -1.30
N THR B 38 0.03 10.02 -0.31
CA THR B 38 -0.34 10.67 0.94
C THR B 38 0.86 11.38 1.57
N LYS B 39 2.04 10.80 1.41
CA LYS B 39 3.24 11.37 1.99
C LYS B 39 3.65 12.67 1.29
N GLY B 40 3.14 12.89 0.08
CA GLY B 40 3.40 14.11 -0.65
C GLY B 40 2.28 15.12 -0.54
N ARG B 41 1.69 15.23 0.66
CA ARG B 41 0.58 16.15 0.88
C ARG B 41 0.94 17.61 0.57
N LYS B 42 2.19 17.99 0.82
CA LYS B 42 2.62 19.36 0.55
C LYS B 42 2.57 19.66 -0.95
N PHE B 43 2.54 18.61 -1.76
CA PHE B 43 2.40 18.78 -3.20
C PHE B 43 0.95 18.60 -3.67
N TYR B 44 0.30 17.55 -3.18
CA TYR B 44 -0.98 17.10 -3.74
C TYR B 44 -2.19 17.40 -2.86
N GLY B 45 -1.96 18.04 -1.72
CA GLY B 45 -3.05 18.47 -0.86
C GLY B 45 -3.82 19.60 -1.47
N PRO B 46 -4.96 19.97 -0.86
CA PRO B 46 -5.83 21.03 -1.40
C PRO B 46 -5.13 22.38 -1.52
N GLU B 47 -4.13 22.62 -0.69
CA GLU B 47 -3.39 23.87 -0.71
C GLU B 47 -2.05 23.72 -1.44
N GLY B 48 -1.81 22.54 -1.99
CA GLY B 48 -0.58 22.27 -2.71
C GLY B 48 -0.65 22.68 -4.17
N PRO B 49 0.52 22.83 -4.81
CA PRO B 49 0.58 23.30 -6.20
C PRO B 49 0.01 22.29 -7.19
N TYR B 50 0.03 21.01 -6.85
CA TYR B 50 -0.38 19.95 -7.77
C TYR B 50 -1.61 19.22 -7.23
N GLY B 51 -2.38 19.91 -6.40
CA GLY B 51 -3.59 19.35 -5.82
C GLY B 51 -4.63 18.95 -6.84
N VAL B 52 -4.53 19.51 -8.03
CA VAL B 52 -5.48 19.21 -9.09
C VAL B 52 -5.43 17.74 -9.49
N PHE B 53 -4.29 17.09 -9.22
CA PHE B 53 -4.12 15.68 -9.56
C PHE B 53 -4.67 14.74 -8.48
N ALA B 54 -4.99 15.28 -7.31
CA ALA B 54 -5.40 14.45 -6.19
C ALA B 54 -6.67 13.67 -6.48
N GLY B 55 -6.60 12.35 -6.38
CA GLY B 55 -7.76 11.50 -6.60
C GLY B 55 -8.15 11.40 -8.06
N ARG B 56 -7.22 11.72 -8.95
CA ARG B 56 -7.48 11.73 -10.38
C ARG B 56 -6.52 10.86 -11.18
N ASP B 57 -6.93 10.48 -12.38
CA ASP B 57 -5.97 10.04 -13.39
C ASP B 57 -5.17 11.28 -13.82
N ALA B 58 -3.90 11.32 -13.46
CA ALA B 58 -3.06 12.48 -13.73
C ALA B 58 -2.23 12.31 -14.99
N SER B 59 -2.50 11.26 -15.76
CA SER B 59 -1.62 10.87 -16.86
C SER B 59 -1.43 11.99 -17.89
N ARG B 60 -2.53 12.60 -18.33
CA ARG B 60 -2.42 13.61 -19.37
C ARG B 60 -1.78 14.90 -18.85
N GLY B 61 -2.19 15.30 -17.65
CA GLY B 61 -1.64 16.49 -17.02
C GLY B 61 -0.12 16.39 -16.86
N LEU B 62 0.35 15.21 -16.46
CA LEU B 62 1.77 14.97 -16.29
C LEU B 62 2.52 14.87 -17.62
N ALA B 63 1.91 14.21 -18.60
CA ALA B 63 2.55 14.03 -19.90
C ALA B 63 2.72 15.35 -20.64
N THR B 64 1.77 16.26 -20.47
CA THR B 64 1.75 17.49 -21.27
C THR B 64 2.01 18.75 -20.46
N PHE B 65 2.30 18.58 -19.17
CA PHE B 65 2.52 19.71 -18.26
C PHE B 65 1.30 20.65 -18.23
N CYS B 66 0.25 20.20 -17.58
CA CYS B 66 -1.01 20.93 -17.51
C CYS B 66 -1.64 20.81 -16.13
N LEU B 67 -1.90 21.94 -15.50
CA LEU B 67 -2.47 21.97 -14.16
C LEU B 67 -3.89 22.53 -14.16
N ASP B 68 -4.46 22.68 -15.35
CA ASP B 68 -5.79 23.27 -15.50
C ASP B 68 -6.87 22.23 -15.24
N LYS B 69 -7.61 22.43 -14.16
CA LYS B 69 -8.69 21.54 -13.72
C LYS B 69 -9.61 21.13 -14.88
N GLU B 70 -9.90 22.08 -15.76
CA GLU B 70 -10.85 21.84 -16.85
C GLU B 70 -10.30 20.91 -17.93
N ALA B 71 -8.99 20.76 -18.01
CA ALA B 71 -8.40 19.83 -18.97
C ALA B 71 -8.47 18.39 -18.44
N LEU B 72 -8.86 18.24 -17.18
CA LEU B 72 -9.02 16.93 -16.56
C LEU B 72 -10.42 16.38 -16.82
N LYS B 73 -10.49 15.18 -17.38
CA LYS B 73 -11.76 14.63 -17.86
C LYS B 73 -12.55 13.83 -16.83
N ASP B 74 -12.30 14.10 -15.54
CA ASP B 74 -12.95 13.40 -14.42
C ASP B 74 -12.64 11.90 -14.40
N GLU B 75 -12.60 11.27 -15.58
CA GLU B 75 -12.24 9.86 -15.71
C GLU B 75 -11.25 9.70 -16.86
N TYR B 76 -11.02 8.47 -17.31
CA TYR B 76 -9.96 8.14 -18.29
C TYR B 76 -9.80 9.14 -19.47
N ASP B 77 -8.55 9.34 -19.91
CA ASP B 77 -8.18 10.45 -20.79
C ASP B 77 -7.69 10.09 -22.21
N ASP B 78 -7.77 8.82 -22.60
CA ASP B 78 -7.42 8.32 -23.94
C ASP B 78 -5.91 8.29 -24.24
N LEU B 79 -5.24 9.45 -24.13
CA LEU B 79 -3.78 9.56 -24.27
C LEU B 79 -3.21 9.18 -25.64
N SER B 80 -4.01 9.28 -26.69
CA SER B 80 -3.53 8.96 -28.03
C SER B 80 -2.90 10.19 -28.70
N ASP B 81 -3.19 11.37 -28.17
CA ASP B 81 -2.67 12.62 -28.70
C ASP B 81 -1.16 12.72 -28.54
N LEU B 82 -0.66 12.16 -27.44
CA LEU B 82 0.70 12.41 -26.99
C LEU B 82 1.76 12.10 -28.03
N THR B 83 2.65 13.07 -28.24
CA THR B 83 3.82 12.88 -29.09
C THR B 83 4.72 11.83 -28.47
N ALA B 84 5.70 11.37 -29.23
CA ALA B 84 6.67 10.38 -28.75
C ALA B 84 7.42 10.91 -27.52
N ALA B 85 7.70 12.21 -27.53
CA ALA B 85 8.36 12.87 -26.41
C ALA B 85 7.47 12.89 -25.17
N GLN B 86 6.19 13.19 -25.37
CA GLN B 86 5.22 13.25 -24.27
C GLN B 86 4.99 11.87 -23.67
N GLN B 87 4.94 10.86 -24.53
CA GLN B 87 4.77 9.49 -24.09
C GLN B 87 5.93 9.06 -23.20
N GLU B 88 7.13 9.54 -23.51
CA GLU B 88 8.30 9.20 -22.71
C GLU B 88 8.36 10.06 -21.45
N THR B 89 7.76 11.25 -21.49
CA THR B 89 7.64 12.07 -20.30
C THR B 89 6.74 11.35 -19.28
N LEU B 90 5.63 10.83 -19.78
CA LEU B 90 4.68 10.08 -18.95
C LEU B 90 5.35 8.87 -18.34
N SER B 91 6.16 8.19 -19.14
CA SER B 91 6.92 7.03 -18.70
C SER B 91 7.90 7.42 -17.59
N ASP B 92 8.65 8.50 -17.81
CA ASP B 92 9.60 8.98 -16.80
C ASP B 92 8.90 9.32 -15.48
N TRP B 93 7.73 9.95 -15.57
CA TRP B 93 6.95 10.27 -14.37
C TRP B 93 6.55 9.00 -13.62
N GLU B 94 6.03 8.04 -14.37
CA GLU B 94 5.62 6.76 -13.79
C GLU B 94 6.76 6.11 -13.01
N SER B 95 7.96 6.12 -13.59
CA SER B 95 9.13 5.53 -12.96
C SER B 95 9.49 6.29 -11.69
N GLN B 96 9.47 7.61 -11.78
CA GLN B 96 9.74 8.48 -10.64
C GLN B 96 8.73 8.26 -9.49
N PHE B 97 7.46 8.13 -9.83
CA PHE B 97 6.43 7.91 -8.81
C PHE B 97 6.53 6.51 -8.18
N THR B 98 6.93 5.53 -8.97
CA THR B 98 7.12 4.18 -8.45
C THR B 98 8.26 4.20 -7.44
N PHE B 99 9.26 5.02 -7.71
CA PHE B 99 10.44 5.14 -6.85
C PHE B 99 10.14 5.90 -5.55
N LYS B 100 9.49 7.06 -5.66
CA LYS B 100 9.29 7.92 -4.51
C LYS B 100 8.07 7.54 -3.66
N TYR B 101 6.97 7.16 -4.31
CA TYR B 101 5.74 6.82 -3.59
C TYR B 101 5.43 5.32 -3.68
N HIS B 102 4.16 4.94 -3.55
CA HIS B 102 3.84 3.53 -3.45
C HIS B 102 2.76 3.10 -4.40
N HIS B 103 3.16 2.24 -5.33
CA HIS B 103 2.26 1.56 -6.26
C HIS B 103 1.41 0.56 -5.47
N VAL B 104 0.09 0.76 -5.47
CA VAL B 104 -0.80 -0.11 -4.72
C VAL B 104 -1.73 -0.94 -5.61
N GLY B 105 -1.90 -0.52 -6.85
CA GLY B 105 -2.74 -1.27 -7.77
C GLY B 105 -2.83 -0.65 -9.15
N LYS B 106 -3.87 -1.02 -9.90
CA LYS B 106 -4.08 -0.45 -11.21
C LYS B 106 -5.43 0.26 -11.30
N LEU B 107 -5.55 1.15 -12.28
CA LEU B 107 -6.79 1.84 -12.57
C LEU B 107 -7.68 0.98 -13.48
N LEU B 108 -8.87 0.63 -12.99
CA LEU B 108 -9.80 -0.21 -13.76
C LEU B 108 -10.52 0.61 -14.82
N LYS B 109 -10.63 0.07 -16.03
CA LYS B 109 -11.19 0.82 -17.13
C LYS B 109 -12.69 0.73 -17.26
N GLU B 110 -13.39 1.51 -16.44
CA GLU B 110 -14.81 1.84 -16.60
C GLU B 110 -15.23 2.80 -15.50
CHA HEM C . -7.51 -10.01 -0.50
CHB HEM C . -8.47 -13.11 -4.12
CHC HEM C . -4.95 -16.05 -2.57
CHD HEM C . -3.66 -12.73 0.71
C1A HEM C . -8.11 -10.62 -1.59
C2A HEM C . -9.31 -10.16 -2.26
C3A HEM C . -9.56 -11.01 -3.26
C4A HEM C . -8.55 -12.04 -3.25
CMA HEM C . -10.75 -10.96 -4.28
CAA HEM C . -10.10 -8.90 -1.86
CBA HEM C . -11.21 -9.37 -0.89
CGA HEM C . -12.25 -8.31 -0.64
O1A HEM C . -11.96 -7.09 -0.75
O2A HEM C . -13.40 -8.69 -0.29
C1B HEM C . -7.59 -14.16 -4.02
C2B HEM C . -7.54 -15.28 -4.93
C3B HEM C . -6.56 -16.10 -4.51
C4B HEM C . -5.98 -15.52 -3.31
CMB HEM C . -8.47 -15.39 -6.16
CAB HEM C . -6.06 -17.44 -5.13
CBB HEM C . -6.69 -18.02 -6.17
C1C HEM C . -4.23 -15.39 -1.59
C2C HEM C . -2.98 -15.79 -0.98
C3C HEM C . -2.63 -14.85 -0.08
C4C HEM C . -3.65 -13.83 -0.10
CMC HEM C . -2.18 -17.07 -1.31
CAC HEM C . -1.39 -14.76 0.84
CBC HEM C . -0.41 -15.65 0.99
C1D HEM C . -4.58 -11.72 0.72
C2D HEM C . -4.56 -10.61 1.64
C3D HEM C . -5.74 -9.75 1.27
C4D HEM C . -6.38 -10.42 0.16
CMD HEM C . -3.54 -10.31 2.76
CAD HEM C . -6.05 -8.41 1.99
CBD HEM C . -7.26 -8.42 2.88
CGD HEM C . -7.25 -7.03 3.50
O1D HEM C . -6.66 -6.85 4.60
O2D HEM C . -7.84 -6.12 2.87
NA HEM C . -7.67 -11.78 -2.21
NB HEM C . -6.63 -14.33 -3.05
NC HEM C . -4.60 -14.18 -1.02
ND HEM C . -5.66 -11.57 -0.12
FE HEM C . -6.25 -13.07 -1.47
CHA HEM D . 8.31 18.86 -8.54
CHB HEM D . 9.45 23.33 -10.07
CHC HEM D . 5.49 23.30 -12.87
CHD HEM D . 4.64 18.67 -11.75
C1A HEM D . 8.95 20.07 -8.70
C2A HEM D . 10.14 20.47 -8.00
C3A HEM D . 10.46 21.71 -8.41
C4A HEM D . 9.47 22.12 -9.40
CMA HEM D . 11.66 22.55 -7.94
CAA HEM D . 10.89 19.61 -6.94
CBA HEM D . 10.32 19.85 -5.55
CGA HEM D . 10.98 18.94 -4.53
O1A HEM D . 11.58 17.90 -4.92
O2A HEM D . 10.91 19.26 -3.32
C1B HEM D . 8.50 23.72 -10.99
C2B HEM D . 8.49 24.95 -11.76
C3B HEM D . 7.38 24.95 -12.52
C4B HEM D . 6.67 23.70 -12.27
CMB HEM D . 9.59 26.04 -11.65
CAB HEM D . 6.84 25.98 -13.55
CBB HEM D . 7.51 27.07 -13.94
C1C HEM D . 4.96 22.03 -12.89
C2C HEM D . 3.94 21.51 -13.78
C3C HEM D . 3.74 20.22 -13.46
C4C HEM D . 4.60 19.90 -12.35
CMC HEM D . 3.25 22.32 -14.91
CAC HEM D . 2.77 19.14 -14.03
CBC HEM D . 1.77 19.37 -14.89
C1D HEM D . 5.51 18.29 -10.75
C2D HEM D . 5.48 17.01 -10.09
C3D HEM D . 6.64 17.08 -9.09
C4D HEM D . 7.24 18.39 -9.25
CMD HEM D . 4.50 15.85 -10.35
CAD HEM D . 7.07 15.99 -8.10
CBD HEM D . 6.53 16.37 -6.72
CGD HEM D . 6.83 15.24 -5.78
O1D HEM D . 8.01 15.10 -5.36
O2D HEM D . 5.88 14.48 -5.46
NA HEM D . 8.57 21.09 -9.55
NB HEM D . 7.38 22.98 -11.33
NC HEM D . 5.34 21.01 -12.02
ND HEM D . 6.54 19.06 -10.24
FE HEM D . 6.87 21.06 -10.66
#